data_1FIH
#
_entry.id   1FIH
#
_cell.length_a   81.490
_cell.length_b   84.552
_cell.length_c   98.542
_cell.angle_alpha   90.00
_cell.angle_beta   105.43
_cell.angle_gamma   90.00
#
_symmetry.space_group_name_H-M   'C 1 2 1'
#
loop_
_entity.id
_entity.type
_entity.pdbx_description
1 polymer 'MANNOSE-BINDING PROTEIN A'
2 non-polymer 2-acetamido-2-deoxy-beta-D-galactopyranose
3 non-polymer 'CALCIUM ION'
4 non-polymer 'CHLORIDE ION'
5 water water
#
_entity_poly.entity_id   1
_entity_poly.type   'polypeptide(L)'
_entity_poly.pdbx_seq_one_letter_code
;AIEVKLANMEAEINTLKSKLELTNKLHAFSMGKKSGKKFFVTNHERMPFSKVKALCSELRGTVAIPRNAEENKAIQEVAK
TSAFLGITDEVTEGQFMYVTGGRLTYSNWKKDQPDDWYGHGLGGGEDCVHIVDNGLWNDDSCQRPYTAVCEFPA
;
_entity_poly.pdbx_strand_id   A,B,C
#
loop_
_chem_comp.id
_chem_comp.type
_chem_comp.name
_chem_comp.formula
CA non-polymer 'CALCIUM ION' 'Ca 2'
CL non-polymer 'CHLORIDE ION' 'Cl -1'
NGA D-saccharide, beta linking 2-acetamido-2-deoxy-beta-D-galactopyranose 'C8 H15 N O6'
#
# COMPACT_ATOMS: atom_id res chain seq x y z
N ALA A 1 -21.25 21.98 32.77
CA ALA A 1 -21.01 20.87 31.81
C ALA A 1 -20.29 21.35 30.56
N ILE A 2 -20.41 22.65 30.27
CA ILE A 2 -19.75 23.20 29.09
C ILE A 2 -18.25 22.91 29.12
N GLU A 3 -17.60 23.20 30.25
CA GLU A 3 -16.17 22.97 30.38
C GLU A 3 -15.80 21.49 30.26
N VAL A 4 -16.65 20.63 30.79
CA VAL A 4 -16.40 19.19 30.73
C VAL A 4 -16.52 18.70 29.30
N LYS A 5 -17.50 19.22 28.55
CA LYS A 5 -17.66 18.82 27.17
C LYS A 5 -16.46 19.28 26.35
N LEU A 6 -15.98 20.49 26.63
CA LEU A 6 -14.83 21.01 25.91
C LEU A 6 -13.57 20.20 26.22
N ALA A 7 -13.45 19.73 27.46
CA ALA A 7 -12.29 18.93 27.85
C ALA A 7 -12.30 17.58 27.15
N ASN A 8 -13.48 16.99 27.00
CA ASN A 8 -13.58 15.70 26.31
C ASN A 8 -13.25 15.92 24.83
N MET A 9 -13.69 17.03 24.28
CA MET A 9 -13.40 17.31 22.88
C MET A 9 -11.88 17.40 22.67
N GLU A 10 -11.20 18.06 23.59
CA GLU A 10 -9.75 18.17 23.50
C GLU A 10 -9.15 16.77 23.44
N ALA A 11 -9.59 15.88 24.33
CA ALA A 11 -9.09 14.51 24.37
C ALA A 11 -9.45 13.72 23.10
N GLU A 12 -10.64 13.92 22.56
CA GLU A 12 -11.06 13.22 21.34
C GLU A 12 -10.13 13.62 20.20
N ILE A 13 -9.88 14.92 20.10
CA ILE A 13 -9.01 15.47 19.06
C ILE A 13 -7.58 14.93 19.18
N ASN A 14 -7.05 14.91 20.39
CA ASN A 14 -5.70 14.40 20.60
C ASN A 14 -5.59 12.91 20.26
N THR A 15 -6.64 12.13 20.56
CA THR A 15 -6.56 10.71 20.25
C THR A 15 -6.66 10.54 18.73
N LEU A 16 -7.40 11.42 18.07
CA LEU A 16 -7.54 11.36 16.62
C LEU A 16 -6.18 11.67 16.00
N LYS A 17 -5.51 12.70 16.52
CA LYS A 17 -4.20 13.08 15.99
C LYS A 17 -3.24 11.89 16.10
N SER A 18 -3.26 11.26 17.27
CA SER A 18 -2.43 10.11 17.57
C SER A 18 -2.68 8.96 16.59
N LYS A 19 -3.96 8.65 16.39
CA LYS A 19 -4.32 7.56 15.49
C LYS A 19 -3.94 7.87 14.05
N LEU A 20 -4.09 9.12 13.63
CA LEU A 20 -3.72 9.47 12.26
C LEU A 20 -2.21 9.31 12.07
N GLU A 21 -1.42 9.72 13.06
CA GLU A 21 0.02 9.58 12.98
C GLU A 21 0.37 8.10 12.81
N LEU A 22 -0.32 7.24 13.56
CA LEU A 22 -0.09 5.80 13.48
C LEU A 22 -0.42 5.29 12.08
N THR A 23 -1.51 5.80 11.51
CA THR A 23 -1.90 5.41 10.16
C THR A 23 -0.81 5.83 9.17
N ASN A 24 -0.29 7.05 9.31
CA ASN A 24 0.77 7.52 8.39
C ASN A 24 2.04 6.65 8.53
N LYS A 25 2.39 6.28 9.75
CA LYS A 25 3.58 5.47 9.99
C LYS A 25 3.44 4.06 9.39
N LEU A 26 2.28 3.44 9.59
CA LEU A 26 2.05 2.11 9.06
C LEU A 26 2.04 2.13 7.53
N HIS A 27 1.46 3.18 6.96
CA HIS A 27 1.42 3.27 5.51
C HIS A 27 2.82 3.40 4.91
N ALA A 28 3.66 4.22 5.53
CA ALA A 28 5.02 4.40 5.03
C ALA A 28 5.74 3.06 5.15
N PHE A 29 5.55 2.39 6.28
CA PHE A 29 6.17 1.08 6.50
C PHE A 29 5.75 0.11 5.41
N SER A 30 4.45 0.06 5.12
CA SER A 30 3.93 -0.82 4.08
C SER A 30 4.42 -0.43 2.69
N MET A 31 4.82 0.82 2.51
CA MET A 31 5.31 1.26 1.20
C MET A 31 6.83 1.07 1.06
N GLY A 32 7.45 0.51 2.10
CA GLY A 32 8.88 0.26 2.04
C GLY A 32 9.83 1.23 2.73
N LYS A 33 9.31 2.18 3.51
CA LYS A 33 10.20 3.12 4.17
C LYS A 33 11.12 2.40 5.15
N LYS A 34 12.43 2.62 5.00
CA LYS A 34 13.42 2.01 5.88
C LYS A 34 13.66 2.99 7.02
N SER A 35 13.92 2.46 8.21
CA SER A 35 14.16 3.30 9.38
C SER A 35 15.17 4.40 9.10
N GLY A 36 14.84 5.63 9.48
CA GLY A 36 15.72 6.77 9.28
C GLY A 36 16.06 7.10 7.84
N LYS A 37 15.37 6.47 6.89
CA LYS A 37 15.64 6.73 5.48
C LYS A 37 14.42 7.35 4.79
N LYS A 38 14.67 8.20 3.81
CA LYS A 38 13.59 8.81 3.07
C LYS A 38 13.04 7.71 2.18
N PHE A 39 11.79 7.82 1.75
CA PHE A 39 11.25 6.77 0.90
C PHE A 39 10.61 7.31 -0.36
N PHE A 40 10.59 6.45 -1.36
CA PHE A 40 10.07 6.76 -2.69
C PHE A 40 8.80 5.99 -2.99
N VAL A 41 7.86 6.67 -3.64
CA VAL A 41 6.57 6.08 -3.98
C VAL A 41 6.17 6.53 -5.40
N THR A 42 5.44 5.68 -6.11
CA THR A 42 4.99 6.00 -7.48
C THR A 42 3.64 5.35 -7.75
N ASN A 43 2.86 5.95 -8.66
CA ASN A 43 1.58 5.38 -9.06
C ASN A 43 1.79 4.74 -10.43
N HIS A 44 3.04 4.77 -10.88
CA HIS A 44 3.47 4.22 -12.17
C HIS A 44 2.95 4.96 -13.40
N GLU A 45 2.48 6.19 -13.20
CA GLU A 45 1.96 6.99 -14.29
C GLU A 45 3.08 7.81 -14.95
N ARG A 46 3.00 7.97 -16.27
CA ARG A 46 3.99 8.74 -17.01
C ARG A 46 3.38 10.09 -17.37
N MET A 47 4.14 11.17 -17.13
CA MET A 47 3.66 12.52 -17.38
C MET A 47 4.86 13.45 -17.54
N PRO A 48 4.63 14.64 -18.12
CA PRO A 48 5.70 15.63 -18.32
C PRO A 48 6.21 16.12 -16.98
N PHE A 49 7.44 16.61 -16.96
CA PHE A 49 8.05 17.07 -15.72
C PHE A 49 7.22 18.04 -14.86
N SER A 50 6.59 19.03 -15.48
CA SER A 50 5.81 19.98 -14.68
C SER A 50 4.66 19.29 -13.95
N LYS A 51 4.11 18.24 -14.56
CA LYS A 51 3.00 17.51 -13.96
C LYS A 51 3.50 16.70 -12.77
N VAL A 52 4.67 16.08 -12.91
CA VAL A 52 5.23 15.32 -11.80
C VAL A 52 5.46 16.26 -10.64
N LYS A 53 6.04 17.42 -10.91
CA LYS A 53 6.32 18.40 -9.87
C LYS A 53 5.06 18.81 -9.11
N ALA A 54 4.01 19.15 -9.85
CA ALA A 54 2.75 19.56 -9.24
C ALA A 54 2.16 18.44 -8.39
N LEU A 55 2.22 17.21 -8.90
CA LEU A 55 1.69 16.05 -8.19
C LEU A 55 2.41 15.83 -6.85
N CYS A 56 3.73 15.67 -6.88
CA CYS A 56 4.48 15.47 -5.64
C CYS A 56 4.24 16.63 -4.67
N SER A 57 4.17 17.85 -5.20
CA SER A 57 3.93 19.02 -4.36
C SER A 57 2.59 18.88 -3.62
N GLU A 58 1.57 18.46 -4.35
CA GLU A 58 0.25 18.30 -3.77
C GLU A 58 0.28 17.24 -2.66
N LEU A 59 1.16 16.26 -2.79
CA LEU A 59 1.28 15.20 -1.78
C LEU A 59 2.23 15.60 -0.65
N ARG A 60 2.79 16.80 -0.74
CA ARG A 60 3.72 17.31 0.26
C ARG A 60 5.07 16.61 0.23
N GLY A 61 5.47 16.20 -0.97
CA GLY A 61 6.75 15.56 -1.15
C GLY A 61 7.44 16.31 -2.28
N THR A 62 8.51 15.74 -2.84
CA THR A 62 9.21 16.41 -3.93
C THR A 62 9.53 15.35 -4.96
N VAL A 63 9.92 15.75 -6.17
CA VAL A 63 10.29 14.78 -7.20
C VAL A 63 11.55 14.10 -6.68
N ALA A 64 11.62 12.78 -6.83
CA ALA A 64 12.74 11.98 -6.35
C ALA A 64 14.12 12.48 -6.73
N ILE A 65 15.02 12.54 -5.76
CA ILE A 65 16.39 12.99 -5.98
C ILE A 65 17.38 12.00 -5.36
N PRO A 66 18.22 11.37 -6.18
CA PRO A 66 19.21 10.41 -5.67
C PRO A 66 20.42 11.22 -5.19
N ARG A 67 20.76 11.08 -3.91
CA ARG A 67 21.88 11.80 -3.32
C ARG A 67 23.13 10.92 -3.24
N ASN A 68 22.97 9.65 -3.59
CA ASN A 68 24.08 8.69 -3.55
C ASN A 68 23.66 7.46 -4.32
N ALA A 69 24.62 6.56 -4.57
CA ALA A 69 24.35 5.34 -5.32
C ALA A 69 23.20 4.53 -4.73
N GLU A 70 23.15 4.46 -3.40
CA GLU A 70 22.12 3.72 -2.71
C GLU A 70 20.71 4.23 -2.99
N GLU A 71 20.52 5.54 -2.93
CA GLU A 71 19.21 6.11 -3.19
C GLU A 71 18.86 5.97 -4.67
N ASN A 72 19.88 6.03 -5.54
CA ASN A 72 19.66 5.89 -6.98
C ASN A 72 19.10 4.51 -7.25
N LYS A 73 19.64 3.51 -6.55
CA LYS A 73 19.17 2.14 -6.70
C LYS A 73 17.76 1.98 -6.15
N ALA A 74 17.48 2.63 -5.02
CA ALA A 74 16.17 2.55 -4.41
C ALA A 74 15.09 3.14 -5.34
N ILE A 75 15.45 4.22 -6.04
CA ILE A 75 14.54 4.87 -6.95
C ILE A 75 14.28 4.01 -8.19
N GLN A 76 15.32 3.42 -8.76
CA GLN A 76 15.11 2.59 -9.94
C GLN A 76 14.30 1.37 -9.56
N GLU A 77 14.48 0.92 -8.32
CA GLU A 77 13.76 -0.25 -7.82
C GLU A 77 12.26 0.07 -7.77
N VAL A 78 11.94 1.22 -7.17
CA VAL A 78 10.56 1.66 -7.03
C VAL A 78 9.87 1.96 -8.36
N ALA A 79 10.57 2.69 -9.23
CA ALA A 79 10.02 3.09 -10.52
C ALA A 79 9.86 1.93 -11.49
N LYS A 80 10.84 1.04 -11.51
CA LYS A 80 10.83 -0.12 -12.39
C LYS A 80 10.99 0.25 -13.86
N THR A 81 10.99 1.55 -14.14
CA THR A 81 11.14 2.04 -15.50
C THR A 81 11.77 3.43 -15.47
N SER A 82 11.78 4.10 -16.61
CA SER A 82 12.37 5.43 -16.68
C SER A 82 11.53 6.47 -15.95
N ALA A 83 12.17 7.20 -15.04
CA ALA A 83 11.47 8.21 -14.25
C ALA A 83 12.24 9.52 -14.11
N PHE A 84 11.53 10.65 -14.03
CA PHE A 84 12.18 11.95 -13.84
C PHE A 84 12.77 12.03 -12.44
N LEU A 85 13.84 12.80 -12.31
CA LEU A 85 14.49 13.03 -11.03
C LEU A 85 14.33 14.54 -10.79
N GLY A 86 14.36 14.96 -9.53
CA GLY A 86 14.23 16.37 -9.22
C GLY A 86 15.50 17.14 -9.53
N ILE A 87 15.97 17.05 -10.76
CA ILE A 87 17.20 17.70 -11.18
C ILE A 87 17.02 18.32 -12.56
N THR A 88 17.38 19.59 -12.71
CA THR A 88 17.26 20.26 -14.02
C THR A 88 18.28 21.38 -14.17
N ASP A 89 18.47 21.83 -15.41
CA ASP A 89 19.36 22.96 -15.68
C ASP A 89 18.53 24.03 -16.41
N GLU A 90 17.28 24.17 -15.98
CA GLU A 90 16.36 25.16 -16.56
C GLU A 90 16.75 26.59 -16.19
N VAL A 91 17.26 26.76 -14.98
CA VAL A 91 17.65 28.08 -14.51
C VAL A 91 18.87 28.61 -15.25
N THR A 92 19.92 27.79 -15.35
CA THR A 92 21.14 28.16 -16.06
C THR A 92 21.64 26.97 -16.86
N GLU A 93 21.51 27.05 -18.18
CA GLU A 93 21.93 25.98 -19.08
C GLU A 93 23.30 25.43 -18.74
N GLY A 94 23.38 24.10 -18.61
CA GLY A 94 24.64 23.47 -18.28
C GLY A 94 24.91 23.34 -16.80
N GLN A 95 24.23 24.14 -15.99
CA GLN A 95 24.40 24.14 -14.54
C GLN A 95 23.26 23.40 -13.84
N PHE A 96 23.35 22.08 -13.73
CA PHE A 96 22.28 21.33 -13.09
C PHE A 96 22.12 21.58 -11.61
N MET A 97 20.86 21.65 -11.17
CA MET A 97 20.57 21.90 -9.77
C MET A 97 19.34 21.14 -9.31
N TYR A 98 19.27 20.92 -8.00
CA TYR A 98 18.13 20.21 -7.43
C TYR A 98 16.93 21.14 -7.45
N VAL A 99 15.74 20.59 -7.65
CA VAL A 99 14.55 21.42 -7.69
C VAL A 99 14.33 22.06 -6.32
N THR A 100 14.96 21.49 -5.30
CA THR A 100 14.83 22.01 -3.96
C THR A 100 15.97 22.97 -3.62
N GLY A 101 16.85 23.20 -4.59
CA GLY A 101 17.94 24.12 -4.39
C GLY A 101 19.32 23.52 -4.29
N GLY A 102 20.33 24.26 -4.76
CA GLY A 102 21.71 23.80 -4.71
C GLY A 102 22.19 23.13 -5.98
N ARG A 103 23.49 23.22 -6.23
CA ARG A 103 24.03 22.60 -7.43
C ARG A 103 24.29 21.11 -7.23
N LEU A 104 24.15 20.37 -8.31
CA LEU A 104 24.32 18.93 -8.32
C LEU A 104 25.70 18.51 -7.83
N THR A 105 25.73 17.50 -6.98
CA THR A 105 26.99 16.95 -6.49
C THR A 105 27.06 15.53 -7.04
N TYR A 106 26.50 14.57 -6.32
CA TYR A 106 26.50 13.19 -6.79
C TYR A 106 25.80 13.13 -8.15
N SER A 107 26.37 12.37 -9.09
CA SER A 107 25.77 12.23 -10.40
C SER A 107 26.03 10.84 -10.96
N ASN A 108 25.19 10.39 -11.88
CA ASN A 108 25.39 9.07 -12.46
C ASN A 108 25.02 9.09 -13.93
N TRP A 109 25.62 10.03 -14.65
CA TRP A 109 25.36 10.20 -16.07
C TRP A 109 25.78 9.05 -16.95
N LYS A 110 24.93 8.76 -17.92
CA LYS A 110 25.16 7.74 -18.91
C LYS A 110 26.30 8.33 -19.75
N LYS A 111 27.06 7.48 -20.44
CA LYS A 111 28.15 8.00 -21.25
C LYS A 111 27.63 8.95 -22.32
N ASP A 112 28.34 10.05 -22.54
CA ASP A 112 27.98 11.07 -23.53
C ASP A 112 26.74 11.89 -23.17
N GLN A 113 26.39 11.91 -21.89
CA GLN A 113 25.25 12.70 -21.41
C GLN A 113 25.80 13.51 -20.24
N PRO A 114 25.24 14.71 -19.98
CA PRO A 114 24.14 15.38 -20.68
C PRO A 114 24.61 16.04 -21.98
N ASP A 115 23.72 16.18 -22.96
CA ASP A 115 24.13 16.79 -24.22
C ASP A 115 23.18 17.87 -24.74
N ASP A 116 22.20 18.25 -23.93
CA ASP A 116 21.25 19.29 -24.31
C ASP A 116 20.86 19.18 -25.79
N TRP A 117 20.39 17.99 -26.17
CA TRP A 117 20.01 17.69 -27.55
C TRP A 117 18.77 18.43 -28.06
N TYR A 118 18.82 18.85 -29.32
CA TYR A 118 17.68 19.54 -29.93
C TYR A 118 17.01 18.68 -31.01
N GLY A 119 17.70 17.65 -31.46
CA GLY A 119 17.17 16.79 -32.50
C GLY A 119 15.89 16.01 -32.21
N HIS A 120 15.36 16.10 -31.00
CA HIS A 120 14.14 15.38 -30.64
C HIS A 120 12.87 15.99 -31.23
N GLY A 121 13.00 17.19 -31.77
CA GLY A 121 11.86 17.87 -32.39
C GLY A 121 10.73 18.38 -31.52
N LEU A 122 10.90 18.36 -30.20
CA LEU A 122 9.86 18.84 -29.31
C LEU A 122 10.06 20.33 -29.01
N GLY A 123 11.10 20.91 -29.57
CA GLY A 123 11.38 22.32 -29.34
C GLY A 123 12.27 22.48 -28.12
N GLY A 124 13.28 23.33 -28.24
CA GLY A 124 14.20 23.56 -27.15
C GLY A 124 15.16 22.39 -27.02
N GLY A 125 16.04 22.44 -26.02
CA GLY A 125 16.99 21.36 -25.81
C GLY A 125 16.48 20.34 -24.81
N GLU A 126 17.34 19.98 -23.87
CA GLU A 126 16.97 19.02 -22.83
C GLU A 126 17.43 19.61 -21.50
N ASP A 127 16.46 19.94 -20.63
CA ASP A 127 16.78 20.52 -19.33
C ASP A 127 16.29 19.69 -18.14
N CYS A 128 15.69 18.54 -18.41
CA CYS A 128 15.21 17.66 -17.35
C CYS A 128 16.04 16.38 -17.31
N VAL A 129 16.10 15.75 -16.14
CA VAL A 129 16.87 14.53 -15.98
C VAL A 129 16.00 13.35 -15.60
N HIS A 130 16.27 12.20 -16.20
CA HIS A 130 15.53 11.01 -15.87
C HIS A 130 16.48 9.84 -15.76
N ILE A 131 16.08 8.86 -14.96
CA ILE A 131 16.87 7.68 -14.75
C ILE A 131 16.34 6.64 -15.73
N VAL A 132 17.23 5.79 -16.23
CA VAL A 132 16.82 4.75 -17.15
C VAL A 132 16.79 3.44 -16.37
N ASP A 133 16.49 2.35 -17.04
CA ASP A 133 16.40 1.03 -16.38
C ASP A 133 17.64 0.72 -15.54
N ASN A 134 18.78 0.72 -16.20
CA ASN A 134 20.08 0.41 -15.58
C ASN A 134 20.50 1.36 -14.46
N GLY A 135 19.79 2.47 -14.30
CA GLY A 135 20.14 3.41 -13.25
C GLY A 135 20.93 4.63 -13.69
N LEU A 136 21.45 4.61 -14.92
CA LEU A 136 22.23 5.75 -15.41
C LEU A 136 21.27 6.90 -15.76
N TRP A 137 21.82 8.10 -15.86
CA TRP A 137 21.03 9.30 -16.15
C TRP A 137 21.20 9.86 -17.56
N ASN A 138 20.16 10.56 -18.00
CA ASN A 138 20.17 11.22 -19.30
C ASN A 138 19.38 12.52 -19.13
N ASP A 139 19.77 13.56 -19.86
CA ASP A 139 19.02 14.80 -19.82
C ASP A 139 18.04 14.65 -20.99
N ASP A 140 16.77 15.02 -20.76
CA ASP A 140 15.76 14.91 -21.79
C ASP A 140 14.86 16.14 -21.71
N SER A 141 13.94 16.23 -22.66
CA SER A 141 13.01 17.34 -22.69
C SER A 141 12.00 17.23 -21.55
N CYS A 142 11.79 18.33 -20.84
CA CYS A 142 10.84 18.35 -19.74
C CYS A 142 9.43 18.06 -20.25
N GLN A 143 9.28 18.06 -21.58
CA GLN A 143 7.99 17.79 -22.22
C GLN A 143 7.73 16.30 -22.39
N ARG A 144 8.77 15.49 -22.38
CA ARG A 144 8.58 14.05 -22.52
C ARG A 144 7.94 13.46 -21.28
N PRO A 145 7.04 12.48 -21.46
CA PRO A 145 6.39 11.86 -20.29
C PRO A 145 7.24 10.72 -19.72
N TYR A 146 7.53 10.80 -18.42
CA TYR A 146 8.29 9.78 -17.74
C TYR A 146 7.57 9.48 -16.43
N THR A 147 7.88 8.33 -15.83
CA THR A 147 7.22 7.91 -14.60
C THR A 147 7.39 8.86 -13.43
N ALA A 148 6.29 9.12 -12.73
CA ALA A 148 6.28 10.00 -11.58
C ALA A 148 6.69 9.28 -10.29
N VAL A 149 7.79 9.72 -9.69
CA VAL A 149 8.22 9.12 -8.44
C VAL A 149 8.44 10.26 -7.44
N CYS A 150 7.76 10.18 -6.30
CA CYS A 150 7.90 11.22 -5.30
C CYS A 150 8.68 10.69 -4.12
N GLU A 151 9.38 11.59 -3.43
CA GLU A 151 10.11 11.18 -2.26
C GLU A 151 9.57 11.95 -1.06
N PHE A 152 9.69 11.32 0.10
CA PHE A 152 9.23 11.90 1.35
C PHE A 152 10.39 11.80 2.36
N PRO A 153 10.46 12.76 3.30
CA PRO A 153 11.48 12.87 4.34
C PRO A 153 11.77 11.61 5.13
N ALA A 154 13.03 11.47 5.55
CA ALA A 154 13.47 10.34 6.34
C ALA A 154 12.78 10.42 7.70
N ALA B 1 -24.70 30.49 19.59
CA ALA B 1 -24.75 29.79 20.90
C ALA B 1 -23.61 28.78 21.00
N ILE B 2 -22.77 28.94 22.01
CA ILE B 2 -21.65 28.03 22.22
C ILE B 2 -22.08 26.56 22.30
N GLU B 3 -23.21 26.28 22.94
CA GLU B 3 -23.65 24.89 23.05
C GLU B 3 -23.87 24.26 21.68
N VAL B 4 -24.49 25.02 20.78
CA VAL B 4 -24.76 24.52 19.44
C VAL B 4 -23.45 24.33 18.69
N LYS B 5 -22.55 25.29 18.82
CA LYS B 5 -21.26 25.23 18.16
C LYS B 5 -20.54 23.97 18.62
N LEU B 6 -20.58 23.72 19.92
CA LEU B 6 -19.94 22.55 20.51
C LEU B 6 -20.54 21.24 19.99
N ALA B 7 -21.87 21.21 19.84
CA ALA B 7 -22.55 20.01 19.36
C ALA B 7 -22.15 19.72 17.92
N ASN B 8 -22.07 20.78 17.12
CA ASN B 8 -21.69 20.67 15.72
C ASN B 8 -20.26 20.14 15.58
N MET B 9 -19.37 20.61 16.44
CA MET B 9 -17.99 20.15 16.38
C MET B 9 -17.87 18.70 16.83
N GLU B 10 -18.74 18.27 17.75
CA GLU B 10 -18.68 16.87 18.19
C GLU B 10 -19.08 16.00 17.02
N ALA B 11 -20.05 16.48 16.24
CA ALA B 11 -20.51 15.75 15.07
C ALA B 11 -19.42 15.69 14.00
N GLU B 12 -18.64 16.77 13.87
CA GLU B 12 -17.55 16.83 12.90
C GLU B 12 -16.47 15.84 13.31
N ILE B 13 -16.21 15.77 14.61
CA ILE B 13 -15.21 14.85 15.12
C ILE B 13 -15.63 13.41 14.88
N ASN B 14 -16.92 13.11 15.06
CA ASN B 14 -17.40 11.75 14.83
C ASN B 14 -17.28 11.39 13.35
N THR B 15 -17.48 12.36 12.47
CA THR B 15 -17.36 12.10 11.04
C THR B 15 -15.92 11.77 10.69
N LEU B 16 -14.98 12.54 11.24
CA LEU B 16 -13.56 12.31 10.99
C LEU B 16 -13.13 10.94 11.52
N LYS B 17 -13.65 10.54 12.67
CA LYS B 17 -13.26 9.25 13.23
C LYS B 17 -13.78 8.13 12.31
N SER B 18 -14.96 8.33 11.72
CA SER B 18 -15.53 7.35 10.81
C SER B 18 -14.71 7.24 9.53
N LYS B 19 -14.26 8.39 9.02
CA LYS B 19 -13.44 8.40 7.81
C LYS B 19 -12.07 7.78 8.06
N LEU B 20 -11.49 8.05 9.23
CA LEU B 20 -10.18 7.47 9.51
C LEU B 20 -10.30 5.95 9.58
N GLU B 21 -11.41 5.47 10.12
CA GLU B 21 -11.64 4.04 10.22
C GLU B 21 -11.70 3.46 8.81
N LEU B 22 -12.38 4.16 7.91
CA LEU B 22 -12.50 3.69 6.53
C LEU B 22 -11.11 3.69 5.88
N THR B 23 -10.32 4.72 6.14
CA THR B 23 -8.97 4.79 5.58
C THR B 23 -8.17 3.56 6.04
N ASN B 24 -8.30 3.23 7.32
CA ASN B 24 -7.59 2.07 7.85
C ASN B 24 -8.08 0.77 7.21
N LYS B 25 -9.40 0.60 7.08
CA LYS B 25 -9.94 -0.60 6.45
C LYS B 25 -9.42 -0.75 5.02
N LEU B 26 -9.55 0.30 4.24
CA LEU B 26 -9.09 0.26 2.86
C LEU B 26 -7.60 -0.05 2.76
N HIS B 27 -6.80 0.55 3.64
CA HIS B 27 -5.36 0.30 3.58
C HIS B 27 -5.05 -1.17 3.87
N ALA B 28 -5.73 -1.77 4.84
CA ALA B 28 -5.48 -3.18 5.15
C ALA B 28 -5.85 -4.03 3.94
N PHE B 29 -7.00 -3.74 3.34
CA PHE B 29 -7.48 -4.45 2.17
C PHE B 29 -6.40 -4.36 1.07
N SER B 30 -5.96 -3.15 0.77
CA SER B 30 -4.96 -2.96 -0.27
C SER B 30 -3.65 -3.69 0.07
N MET B 31 -3.39 -3.92 1.35
CA MET B 31 -2.19 -4.63 1.73
C MET B 31 -2.39 -6.13 1.91
N GLY B 32 -3.52 -6.63 1.41
CA GLY B 32 -3.80 -8.06 1.46
C GLY B 32 -4.51 -8.69 2.65
N LYS B 33 -5.04 -7.90 3.58
CA LYS B 33 -5.73 -8.48 4.72
C LYS B 33 -6.95 -9.27 4.25
N LYS B 34 -6.98 -10.56 4.58
CA LYS B 34 -8.11 -11.41 4.21
C LYS B 34 -9.19 -11.31 5.29
N SER B 35 -10.44 -11.41 4.87
CA SER B 35 -11.58 -11.32 5.77
C SER B 35 -11.44 -12.19 7.02
N GLY B 36 -11.65 -11.57 8.18
CA GLY B 36 -11.54 -12.30 9.45
C GLY B 36 -10.18 -12.91 9.74
N LYS B 37 -9.15 -12.49 9.00
CA LYS B 37 -7.81 -13.04 9.21
C LYS B 37 -6.79 -12.01 9.70
N LYS B 38 -5.73 -12.49 10.34
CA LYS B 38 -4.68 -11.62 10.83
C LYS B 38 -4.01 -10.97 9.64
N PHE B 39 -3.42 -9.81 9.88
CA PHE B 39 -2.77 -9.02 8.84
C PHE B 39 -1.27 -8.89 9.11
N PHE B 40 -0.46 -9.39 8.19
CA PHE B 40 1.00 -9.34 8.27
C PHE B 40 1.56 -8.35 7.23
N VAL B 41 2.57 -7.59 7.62
CA VAL B 41 3.15 -6.59 6.72
C VAL B 41 4.63 -6.37 7.00
N THR B 42 5.37 -5.98 5.96
CA THR B 42 6.80 -5.72 6.09
C THR B 42 7.26 -4.59 5.18
N ASN B 43 8.35 -3.93 5.55
CA ASN B 43 8.93 -2.86 4.74
C ASN B 43 10.17 -3.45 4.06
N HIS B 44 10.40 -4.74 4.33
CA HIS B 44 11.54 -5.49 3.79
C HIS B 44 12.89 -5.07 4.36
N GLU B 45 12.88 -4.49 5.56
CA GLU B 45 14.13 -4.07 6.17
C GLU B 45 14.62 -5.16 7.13
N ARG B 46 15.90 -5.47 7.07
CA ARG B 46 16.48 -6.49 7.94
C ARG B 46 17.11 -5.80 9.15
N MET B 47 16.90 -6.38 10.33
CA MET B 47 17.42 -5.78 11.56
C MET B 47 17.44 -6.75 12.73
N PRO B 48 18.07 -6.36 13.85
CA PRO B 48 18.15 -7.20 15.05
C PRO B 48 16.76 -7.38 15.66
N PHE B 49 16.53 -8.53 16.28
CA PHE B 49 15.25 -8.82 16.90
C PHE B 49 14.79 -7.69 17.82
N SER B 50 15.73 -7.10 18.55
CA SER B 50 15.38 -6.01 19.45
C SER B 50 14.79 -4.84 18.69
N LYS B 51 15.30 -4.58 17.48
CA LYS B 51 14.83 -3.49 16.65
C LYS B 51 13.43 -3.78 16.11
N VAL B 52 13.19 -5.03 15.74
CA VAL B 52 11.90 -5.43 15.20
C VAL B 52 10.80 -5.25 16.25
N LYS B 53 11.04 -5.69 17.47
CA LYS B 53 10.05 -5.55 18.53
C LYS B 53 9.70 -4.08 18.73
N ALA B 54 10.74 -3.25 18.75
CA ALA B 54 10.55 -1.82 18.92
C ALA B 54 9.77 -1.26 17.75
N LEU B 55 10.14 -1.69 16.54
CA LEU B 55 9.45 -1.22 15.34
C LEU B 55 7.97 -1.58 15.36
N CYS B 56 7.65 -2.86 15.44
CA CYS B 56 6.27 -3.29 15.47
C CYS B 56 5.49 -2.62 16.61
N SER B 57 6.14 -2.49 17.77
CA SER B 57 5.50 -1.86 18.92
C SER B 57 5.18 -0.40 18.64
N GLU B 58 6.06 0.25 17.87
CA GLU B 58 5.87 1.66 17.51
C GLU B 58 4.66 1.77 16.58
N LEU B 59 4.35 0.67 15.90
CA LEU B 59 3.23 0.60 14.97
C LEU B 59 1.98 0.10 15.65
N ARG B 60 2.09 -0.17 16.95
CA ARG B 60 0.98 -0.69 17.73
C ARG B 60 0.60 -2.07 17.25
N GLY B 61 1.60 -2.82 16.78
CA GLY B 61 1.38 -4.18 16.33
C GLY B 61 2.36 -5.05 17.10
N THR B 62 2.60 -6.27 16.64
CA THR B 62 3.55 -7.16 17.32
C THR B 62 4.32 -7.99 16.31
N VAL B 63 5.47 -8.51 16.72
CA VAL B 63 6.28 -9.33 15.82
C VAL B 63 5.41 -10.49 15.37
N ALA B 64 5.48 -10.83 14.10
CA ALA B 64 4.67 -11.90 13.54
C ALA B 64 4.83 -13.23 14.25
N ILE B 65 3.71 -13.86 14.54
CA ILE B 65 3.69 -15.16 15.21
C ILE B 65 2.66 -16.06 14.54
N PRO B 66 3.09 -17.17 13.93
CA PRO B 66 2.16 -18.09 13.27
C PRO B 66 1.56 -19.04 14.30
N ARG B 67 0.23 -19.13 14.33
CA ARG B 67 -0.45 -20.00 15.29
C ARG B 67 -0.86 -21.33 14.65
N ASN B 68 -0.46 -21.53 13.40
CA ASN B 68 -0.76 -22.76 12.68
C ASN B 68 0.04 -22.79 11.37
N ALA B 69 -0.34 -23.70 10.47
CA ALA B 69 0.36 -23.84 9.20
C ALA B 69 0.03 -22.69 8.25
N GLU B 70 -1.24 -22.30 8.22
CA GLU B 70 -1.69 -21.21 7.36
C GLU B 70 -0.93 -19.93 7.65
N GLU B 71 -1.09 -19.41 8.87
CA GLU B 71 -0.43 -18.19 9.28
C GLU B 71 1.07 -18.24 9.01
N ASN B 72 1.68 -19.41 9.18
CA ASN B 72 3.11 -19.56 8.95
C ASN B 72 3.39 -19.28 7.47
N LYS B 73 2.55 -19.84 6.60
CA LYS B 73 2.69 -19.66 5.16
C LYS B 73 2.49 -18.20 4.78
N ALA B 74 1.46 -17.58 5.34
CA ALA B 74 1.17 -16.17 5.06
C ALA B 74 2.40 -15.34 5.42
N ILE B 75 2.89 -15.50 6.64
CA ILE B 75 4.07 -14.76 7.09
C ILE B 75 5.23 -15.03 6.14
N GLN B 76 5.27 -16.24 5.60
CA GLN B 76 6.31 -16.64 4.66
C GLN B 76 6.23 -15.86 3.34
N GLU B 77 5.01 -15.71 2.82
CA GLU B 77 4.78 -15.01 1.57
C GLU B 77 4.97 -13.50 1.65
N VAL B 78 4.70 -12.93 2.82
CA VAL B 78 4.86 -11.48 2.98
C VAL B 78 6.34 -11.14 3.09
N ALA B 79 7.05 -11.85 3.96
CA ALA B 79 8.48 -11.61 4.16
C ALA B 79 9.28 -11.89 2.90
N LYS B 80 8.91 -12.95 2.20
CA LYS B 80 9.58 -13.37 0.97
C LYS B 80 11.01 -13.85 1.25
N THR B 81 11.52 -13.54 2.43
CA THR B 81 12.86 -13.96 2.84
C THR B 81 12.84 -14.33 4.32
N SER B 82 14.01 -14.56 4.89
CA SER B 82 14.12 -14.94 6.30
C SER B 82 13.69 -13.83 7.25
N ALA B 83 12.70 -14.12 8.10
CA ALA B 83 12.19 -13.14 9.05
C ALA B 83 12.00 -13.68 10.46
N PHE B 84 12.24 -12.82 11.45
CA PHE B 84 12.06 -13.19 12.86
C PHE B 84 10.60 -13.46 13.20
N LEU B 85 10.37 -14.36 14.16
CA LEU B 85 9.02 -14.65 14.61
C LEU B 85 8.97 -14.10 16.04
N GLY B 86 7.77 -13.85 16.56
CA GLY B 86 7.66 -13.34 17.92
C GLY B 86 7.75 -14.44 18.95
N ILE B 87 8.80 -15.25 18.85
CA ILE B 87 9.04 -16.38 19.74
C ILE B 87 10.48 -16.40 20.21
N THR B 88 10.70 -16.60 21.51
CA THR B 88 12.06 -16.65 22.05
C THR B 88 12.13 -17.51 23.31
N ASP B 89 13.34 -17.93 23.67
CA ASP B 89 13.55 -18.70 24.88
C ASP B 89 14.62 -17.99 25.71
N GLU B 90 14.62 -16.66 25.62
CA GLU B 90 15.58 -15.84 26.34
C GLU B 90 15.41 -15.89 27.86
N VAL B 91 14.16 -15.91 28.33
CA VAL B 91 13.89 -15.96 29.76
C VAL B 91 14.37 -17.27 30.38
N THR B 92 13.93 -18.38 29.80
CA THR B 92 14.31 -19.70 30.30
C THR B 92 14.72 -20.62 29.15
N GLU B 93 16.03 -20.76 28.98
CA GLU B 93 16.60 -21.59 27.93
C GLU B 93 15.85 -22.90 27.74
N GLY B 94 15.42 -23.17 26.52
CA GLY B 94 14.70 -24.39 26.22
C GLY B 94 13.19 -24.28 26.18
N GLN B 95 12.65 -23.31 26.90
CA GLN B 95 11.21 -23.12 26.93
C GLN B 95 10.84 -21.90 26.09
N PHE B 96 10.51 -22.14 24.82
CA PHE B 96 10.14 -21.03 23.95
C PHE B 96 8.79 -20.46 24.32
N MET B 97 8.70 -19.14 24.21
CA MET B 97 7.48 -18.42 24.56
C MET B 97 7.18 -17.31 23.55
N TYR B 98 5.90 -16.93 23.47
CA TYR B 98 5.49 -15.86 22.57
C TYR B 98 5.82 -14.54 23.26
N VAL B 99 6.22 -13.54 22.48
CA VAL B 99 6.55 -12.24 23.03
C VAL B 99 5.35 -11.56 23.67
N THR B 100 4.16 -12.12 23.44
CA THR B 100 2.94 -11.57 24.01
C THR B 100 2.47 -12.44 25.18
N GLY B 101 3.26 -13.46 25.48
CA GLY B 101 2.93 -14.36 26.58
C GLY B 101 2.43 -15.73 26.17
N GLY B 102 2.82 -16.76 26.91
CA GLY B 102 2.37 -18.11 26.60
C GLY B 102 3.37 -19.04 25.97
N ARG B 103 3.19 -20.34 26.21
CA ARG B 103 4.05 -21.38 25.66
C ARG B 103 3.57 -21.76 24.27
N LEU B 104 4.48 -22.25 23.43
CA LEU B 104 4.14 -22.63 22.06
C LEU B 104 2.94 -23.54 21.94
N THR B 105 2.06 -23.20 20.99
CA THR B 105 0.86 -23.97 20.71
C THR B 105 1.00 -24.55 19.29
N TYR B 106 2.15 -24.31 18.68
CA TYR B 106 2.44 -24.77 17.33
C TYR B 106 3.87 -24.41 16.96
N SER B 107 4.53 -25.32 16.25
CA SER B 107 5.91 -25.08 15.81
C SER B 107 6.20 -25.83 14.52
N ASN B 108 7.31 -25.47 13.89
CA ASN B 108 7.71 -26.09 12.63
C ASN B 108 9.21 -25.94 12.45
N TRP B 109 9.97 -26.43 13.43
CA TRP B 109 11.42 -26.32 13.38
C TRP B 109 12.02 -27.16 12.26
N LYS B 110 13.35 -27.10 12.18
CA LYS B 110 14.09 -27.86 11.19
C LYS B 110 14.62 -29.11 11.89
N LYS B 111 14.92 -30.14 11.11
CA LYS B 111 15.41 -31.41 11.64
C LYS B 111 16.37 -31.40 12.83
N ASP B 112 17.38 -30.52 12.80
CA ASP B 112 18.34 -30.46 13.88
C ASP B 112 18.31 -29.15 14.66
N GLN B 113 17.12 -28.57 14.78
CA GLN B 113 16.91 -27.31 15.48
C GLN B 113 15.79 -27.50 16.51
N PRO B 114 15.81 -26.74 17.62
CA PRO B 114 16.78 -25.72 18.03
C PRO B 114 18.03 -26.34 18.65
N ASP B 115 19.19 -25.75 18.38
CA ASP B 115 20.44 -26.27 18.91
C ASP B 115 21.14 -25.25 19.81
N ASP B 116 20.53 -24.09 19.98
CA ASP B 116 21.10 -23.04 20.82
C ASP B 116 22.61 -22.95 20.60
N TRP B 117 23.00 -23.02 19.33
CA TRP B 117 24.39 -22.97 18.92
C TRP B 117 25.19 -21.78 19.46
N TYR B 118 26.35 -22.06 20.04
CA TYR B 118 27.22 -21.01 20.58
C TYR B 118 28.41 -20.74 19.68
N GLY B 119 28.55 -21.56 18.63
CA GLY B 119 29.66 -21.40 17.71
C GLY B 119 29.50 -20.28 16.71
N HIS B 120 28.48 -19.44 16.88
CA HIS B 120 28.26 -18.35 15.94
C HIS B 120 29.26 -17.21 16.17
N GLY B 121 29.87 -17.19 17.35
CA GLY B 121 30.85 -16.17 17.66
C GLY B 121 30.31 -14.87 18.22
N LEU B 122 29.09 -14.51 17.83
CA LEU B 122 28.47 -13.27 18.29
C LEU B 122 28.30 -13.22 19.82
N GLY B 123 28.75 -14.28 20.49
CA GLY B 123 28.63 -14.32 21.94
C GLY B 123 27.25 -14.76 22.40
N GLY B 124 27.22 -15.73 23.31
CA GLY B 124 25.96 -16.23 23.82
C GLY B 124 25.41 -17.33 22.93
N GLY B 125 24.24 -17.86 23.29
CA GLY B 125 23.64 -18.91 22.50
C GLY B 125 22.68 -18.38 21.46
N GLU B 126 21.60 -19.11 21.22
CA GLU B 126 20.59 -18.70 20.26
C GLU B 126 19.20 -18.79 20.89
N ASP B 127 18.64 -17.64 21.23
CA ASP B 127 17.32 -17.58 21.86
C ASP B 127 16.21 -16.97 21.02
N CYS B 128 16.51 -16.59 19.79
CA CYS B 128 15.50 -16.03 18.91
C CYS B 128 15.11 -17.00 17.80
N VAL B 129 13.89 -16.85 17.31
CA VAL B 129 13.35 -17.71 16.28
C VAL B 129 13.11 -16.97 14.97
N HIS B 130 13.55 -17.56 13.86
CA HIS B 130 13.35 -16.93 12.57
C HIS B 130 12.94 -17.99 11.57
N ILE B 131 12.27 -17.56 10.51
CA ILE B 131 11.81 -18.47 9.48
C ILE B 131 12.85 -18.51 8.36
N VAL B 132 12.81 -19.55 7.54
CA VAL B 132 13.73 -19.66 6.42
C VAL B 132 12.94 -19.29 5.16
N ASP B 133 13.28 -19.89 4.04
CA ASP B 133 12.59 -19.62 2.79
C ASP B 133 11.57 -20.72 2.54
N ASN B 134 11.90 -21.91 3.05
CA ASN B 134 11.06 -23.09 2.91
C ASN B 134 10.01 -23.17 4.02
N GLY B 135 9.99 -22.18 4.90
CA GLY B 135 9.03 -22.17 5.98
C GLY B 135 9.54 -22.74 7.30
N LEU B 136 10.62 -23.50 7.25
CA LEU B 136 11.18 -24.10 8.45
C LEU B 136 11.77 -23.05 9.39
N TRP B 137 11.82 -23.39 10.67
CA TRP B 137 12.35 -22.48 11.69
C TRP B 137 13.78 -22.83 12.10
N ASN B 138 14.44 -21.89 12.75
CA ASN B 138 15.79 -22.07 13.26
C ASN B 138 16.03 -21.08 14.38
N ASP B 139 16.62 -21.55 15.48
CA ASP B 139 16.90 -20.64 16.58
C ASP B 139 18.24 -20.00 16.26
N ASP B 140 18.27 -18.66 16.28
CA ASP B 140 19.49 -17.94 15.97
C ASP B 140 19.75 -16.85 16.99
N SER B 141 20.84 -16.13 16.83
CA SER B 141 21.18 -15.06 17.74
C SER B 141 20.26 -13.87 17.49
N CYS B 142 19.72 -13.32 18.58
CA CYS B 142 18.83 -12.18 18.47
C CYS B 142 19.58 -10.96 17.91
N GLN B 143 20.91 -10.99 18.04
CA GLN B 143 21.76 -9.90 17.56
C GLN B 143 21.83 -9.85 16.03
N ARG B 144 21.62 -10.99 15.39
CA ARG B 144 21.67 -11.05 13.93
C ARG B 144 20.44 -10.38 13.30
N PRO B 145 20.65 -9.68 12.18
CA PRO B 145 19.58 -8.98 11.46
C PRO B 145 18.77 -9.82 10.49
N TYR B 146 17.44 -9.72 10.59
CA TYR B 146 16.52 -10.45 9.72
C TYR B 146 15.33 -9.56 9.37
N THR B 147 14.58 -9.96 8.36
CA THR B 147 13.41 -9.22 7.90
C THR B 147 12.37 -8.97 8.99
N ALA B 148 11.96 -7.72 9.13
CA ALA B 148 10.97 -7.35 10.13
C ALA B 148 9.55 -7.55 9.60
N VAL B 149 8.74 -8.30 10.34
CA VAL B 149 7.36 -8.52 9.94
C VAL B 149 6.42 -8.32 11.11
N CYS B 150 5.49 -7.38 10.98
CA CYS B 150 4.56 -7.11 12.05
C CYS B 150 3.20 -7.71 11.76
N GLU B 151 2.45 -7.98 12.81
CA GLU B 151 1.13 -8.53 12.63
C GLU B 151 0.11 -7.66 13.34
N PHE B 152 -1.11 -7.67 12.80
CA PHE B 152 -2.20 -6.91 13.36
C PHE B 152 -3.37 -7.87 13.43
N PRO B 153 -4.26 -7.70 14.42
CA PRO B 153 -5.44 -8.54 14.66
C PRO B 153 -6.42 -8.68 13.49
N ALA B 154 -7.14 -9.78 13.48
CA ALA B 154 -8.13 -10.04 12.44
C ALA B 154 -9.31 -9.09 12.62
N ALA C 1 -11.78 32.82 27.48
CA ALA C 1 -11.29 31.43 27.76
C ALA C 1 -12.07 30.39 26.95
N ILE C 2 -13.28 30.09 27.39
CA ILE C 2 -14.10 29.09 26.70
C ILE C 2 -14.21 29.33 25.20
N GLU C 3 -14.59 30.54 24.81
CA GLU C 3 -14.73 30.86 23.40
C GLU C 3 -13.40 30.82 22.66
N VAL C 4 -12.31 31.08 23.38
CA VAL C 4 -10.99 31.02 22.76
C VAL C 4 -10.66 29.55 22.50
N LYS C 5 -10.89 28.71 23.51
CA LYS C 5 -10.63 27.28 23.42
C LYS C 5 -11.45 26.67 22.30
N LEU C 6 -12.70 27.11 22.19
CA LEU C 6 -13.61 26.59 21.19
C LEU C 6 -13.13 26.94 19.79
N ALA C 7 -12.64 28.17 19.61
CA ALA C 7 -12.15 28.62 18.30
C ALA C 7 -10.91 27.82 17.91
N ASN C 8 -10.05 27.53 18.87
CA ASN C 8 -8.87 26.76 18.56
C ASN C 8 -9.24 25.35 18.10
N MET C 9 -10.16 24.71 18.80
CA MET C 9 -10.54 23.36 18.42
C MET C 9 -11.13 23.32 17.03
N GLU C 10 -11.75 24.43 16.64
CA GLU C 10 -12.33 24.54 15.31
C GLU C 10 -11.18 24.49 14.31
N ALA C 11 -10.07 25.13 14.67
CA ALA C 11 -8.87 25.17 13.85
C ALA C 11 -8.20 23.79 13.85
N GLU C 12 -8.19 23.15 15.01
CA GLU C 12 -7.60 21.82 15.14
C GLU C 12 -8.35 20.84 14.24
N ILE C 13 -9.67 20.89 14.32
CA ILE C 13 -10.51 20.00 13.53
C ILE C 13 -10.29 20.22 12.04
N ASN C 14 -10.30 21.48 11.58
CA ASN C 14 -10.08 21.74 10.16
C ASN C 14 -8.69 21.31 9.68
N THR C 15 -7.69 21.41 10.56
CA THR C 15 -6.35 20.98 10.20
C THR C 15 -6.32 19.46 10.05
N LEU C 16 -7.00 18.75 10.95
CA LEU C 16 -7.06 17.30 10.88
C LEU C 16 -7.81 16.84 9.63
N LYS C 17 -8.81 17.59 9.22
CA LYS C 17 -9.56 17.25 8.03
C LYS C 17 -8.64 17.31 6.80
N SER C 18 -7.82 18.36 6.73
CA SER C 18 -6.90 18.52 5.61
C SER C 18 -5.83 17.43 5.64
N LYS C 19 -5.37 17.08 6.84
CA LYS C 19 -4.35 16.06 6.98
C LYS C 19 -4.87 14.68 6.56
N LEU C 20 -6.11 14.36 6.88
CA LEU C 20 -6.67 13.07 6.49
C LEU C 20 -6.90 13.05 4.98
N GLU C 21 -7.29 14.20 4.43
CA GLU C 21 -7.49 14.30 3.00
C GLU C 21 -6.16 13.99 2.31
N LEU C 22 -5.08 14.61 2.78
CA LEU C 22 -3.76 14.37 2.21
C LEU C 22 -3.39 12.89 2.34
N THR C 23 -3.65 12.31 3.51
CA THR C 23 -3.35 10.89 3.72
C THR C 23 -4.09 10.03 2.68
N ASN C 24 -5.37 10.30 2.44
CA ASN C 24 -6.12 9.53 1.45
C ASN C 24 -5.53 9.69 0.04
N LYS C 25 -5.13 10.91 -0.31
CA LYS C 25 -4.54 11.20 -1.63
C LYS C 25 -3.27 10.37 -1.85
N LEU C 26 -2.38 10.41 -0.87
CA LEU C 26 -1.13 9.64 -0.94
C LEU C 26 -1.42 8.15 -1.02
N HIS C 27 -2.40 7.67 -0.23
CA HIS C 27 -2.72 6.25 -0.27
C HIS C 27 -3.24 5.85 -1.67
N ALA C 28 -4.08 6.69 -2.29
CA ALA C 28 -4.57 6.35 -3.63
C ALA C 28 -3.41 6.32 -4.63
N PHE C 29 -2.48 7.27 -4.48
CA PHE C 29 -1.31 7.37 -5.34
C PHE C 29 -0.49 6.08 -5.21
N SER C 30 -0.24 5.64 -3.97
CA SER C 30 0.54 4.40 -3.78
C SER C 30 -0.24 3.17 -4.28
N MET C 31 -1.57 3.24 -4.33
CA MET C 31 -2.38 2.13 -4.80
C MET C 31 -2.44 2.14 -6.33
N GLY C 32 -1.74 3.10 -6.95
CA GLY C 32 -1.71 3.17 -8.39
C GLY C 32 -2.77 4.01 -9.09
N LYS C 33 -3.48 4.85 -8.36
CA LYS C 33 -4.50 5.68 -8.99
C LYS C 33 -3.83 6.67 -9.94
N LYS C 34 -4.28 6.69 -11.20
CA LYS C 34 -3.73 7.61 -12.20
C LYS C 34 -4.55 8.89 -12.14
N SER C 35 -3.93 10.02 -12.48
CA SER C 35 -4.59 11.31 -12.43
C SER C 35 -5.93 11.37 -13.14
N GLY C 36 -6.93 11.89 -12.43
CA GLY C 36 -8.26 12.03 -12.99
C GLY C 36 -8.98 10.75 -13.38
N LYS C 37 -8.46 9.59 -13.01
CA LYS C 37 -9.10 8.33 -13.38
C LYS C 37 -9.50 7.44 -12.20
N LYS C 38 -10.48 6.56 -12.46
CA LYS C 38 -10.94 5.63 -11.44
C LYS C 38 -9.83 4.61 -11.24
N PHE C 39 -9.76 4.00 -10.08
CA PHE C 39 -8.73 2.99 -9.85
C PHE C 39 -9.31 1.78 -9.16
N PHE C 40 -8.66 0.65 -9.36
CA PHE C 40 -9.10 -0.63 -8.82
C PHE C 40 -8.15 -1.14 -7.75
N VAL C 41 -8.69 -1.83 -6.75
CA VAL C 41 -7.89 -2.36 -5.66
C VAL C 41 -8.39 -3.75 -5.27
N THR C 42 -7.48 -4.63 -4.91
CA THR C 42 -7.85 -5.98 -4.48
C THR C 42 -6.97 -6.41 -3.31
N ASN C 43 -7.47 -7.37 -2.52
CA ASN C 43 -6.71 -7.93 -1.41
C ASN C 43 -6.34 -9.35 -1.84
N HIS C 44 -6.67 -9.66 -3.10
CA HIS C 44 -6.43 -10.96 -3.70
C HIS C 44 -7.16 -12.12 -3.03
N GLU C 45 -8.30 -11.82 -2.41
CA GLU C 45 -9.07 -12.86 -1.75
C GLU C 45 -10.19 -13.34 -2.68
N ARG C 46 -10.43 -14.64 -2.69
CA ARG C 46 -11.49 -15.21 -3.51
C ARG C 46 -12.72 -15.42 -2.65
N MET C 47 -13.89 -15.04 -3.18
CA MET C 47 -15.14 -15.16 -2.44
C MET C 47 -16.34 -15.08 -3.37
N PRO C 48 -17.51 -15.55 -2.91
CA PRO C 48 -18.75 -15.50 -3.71
C PRO C 48 -19.11 -14.06 -4.00
N PHE C 49 -19.80 -13.83 -5.11
CA PHE C 49 -20.17 -12.48 -5.53
C PHE C 49 -20.86 -11.66 -4.44
N SER C 50 -21.78 -12.29 -3.71
CA SER C 50 -22.48 -11.61 -2.65
C SER C 50 -21.51 -10.99 -1.64
N LYS C 51 -20.44 -11.71 -1.33
CA LYS C 51 -19.42 -11.25 -0.40
C LYS C 51 -18.60 -10.10 -0.98
N VAL C 52 -18.24 -10.19 -2.25
CA VAL C 52 -17.47 -9.13 -2.91
C VAL C 52 -18.26 -7.83 -2.82
N LYS C 53 -19.54 -7.92 -3.15
CA LYS C 53 -20.41 -6.75 -3.13
C LYS C 53 -20.49 -6.12 -1.73
N ALA C 54 -20.63 -6.96 -0.72
CA ALA C 54 -20.71 -6.47 0.66
C ALA C 54 -19.41 -5.81 1.08
N LEU C 55 -18.30 -6.44 0.72
CA LEU C 55 -16.98 -5.94 1.05
C LEU C 55 -16.67 -4.59 0.38
N CYS C 56 -16.96 -4.46 -0.91
CA CYS C 56 -16.68 -3.19 -1.56
C CYS C 56 -17.59 -2.08 -1.01
N SER C 57 -18.83 -2.43 -0.66
CA SER C 57 -19.75 -1.43 -0.12
C SER C 57 -19.23 -0.91 1.22
N GLU C 58 -18.68 -1.82 2.01
CA GLU C 58 -18.14 -1.49 3.32
C GLU C 58 -16.98 -0.50 3.14
N LEU C 59 -16.29 -0.61 2.01
CA LEU C 59 -15.15 0.27 1.69
C LEU C 59 -15.59 1.53 0.96
N ARG C 60 -16.88 1.68 0.73
CA ARG C 60 -17.42 2.85 0.02
C ARG C 60 -17.02 2.82 -1.44
N GLY C 61 -16.88 1.61 -1.97
CA GLY C 61 -16.53 1.44 -3.36
C GLY C 61 -17.62 0.59 -3.96
N THR C 62 -17.40 0.14 -5.19
CA THR C 62 -18.36 -0.71 -5.87
C THR C 62 -17.57 -1.85 -6.48
N VAL C 63 -18.24 -2.90 -6.94
CA VAL C 63 -17.55 -4.02 -7.56
C VAL C 63 -17.06 -3.51 -8.90
N ALA C 64 -15.80 -3.82 -9.22
CA ALA C 64 -15.14 -3.40 -10.44
C ALA C 64 -15.98 -3.54 -11.70
N ILE C 65 -16.06 -2.47 -12.47
CA ILE C 65 -16.81 -2.44 -13.72
C ILE C 65 -16.01 -1.84 -14.88
N PRO C 66 -15.70 -2.65 -15.90
CA PRO C 66 -14.94 -2.17 -17.07
C PRO C 66 -15.87 -1.43 -18.04
N ARG C 67 -15.52 -0.19 -18.39
CA ARG C 67 -16.34 0.59 -19.32
C ARG C 67 -15.70 0.63 -20.70
N ASN C 68 -14.53 0.01 -20.82
CA ASN C 68 -13.81 -0.02 -22.09
C ASN C 68 -12.64 -0.98 -22.00
N ALA C 69 -11.96 -1.22 -23.12
CA ALA C 69 -10.82 -2.13 -23.15
C ALA C 69 -9.69 -1.71 -22.22
N GLU C 70 -9.58 -0.41 -21.98
CA GLU C 70 -8.54 0.12 -21.10
C GLU C 70 -8.77 -0.33 -19.66
N GLU C 71 -9.94 -0.03 -19.12
CA GLU C 71 -10.26 -0.39 -17.76
C GLU C 71 -10.29 -1.92 -17.62
N ASN C 72 -10.75 -2.59 -18.67
CA ASN C 72 -10.83 -4.05 -18.66
C ASN C 72 -9.43 -4.59 -18.40
N LYS C 73 -8.45 -4.01 -19.08
CA LYS C 73 -7.06 -4.40 -18.94
C LYS C 73 -6.57 -4.07 -17.52
N ALA C 74 -6.89 -2.87 -17.06
CA ALA C 74 -6.50 -2.41 -15.73
C ALA C 74 -6.96 -3.40 -14.66
N ILE C 75 -8.23 -3.78 -14.71
CA ILE C 75 -8.77 -4.72 -13.75
C ILE C 75 -7.98 -6.02 -13.81
N GLN C 76 -7.72 -6.49 -15.02
CA GLN C 76 -6.95 -7.71 -15.22
C GLN C 76 -5.61 -7.64 -14.51
N GLU C 77 -4.89 -6.57 -14.75
CA GLU C 77 -3.57 -6.35 -14.18
C GLU C 77 -3.56 -6.24 -12.66
N VAL C 78 -4.63 -5.71 -12.09
CA VAL C 78 -4.73 -5.58 -10.64
C VAL C 78 -5.06 -6.93 -10.01
N ALA C 79 -5.99 -7.66 -10.61
CA ALA C 79 -6.42 -8.95 -10.11
C ALA C 79 -5.38 -10.04 -10.34
N LYS C 80 -4.79 -10.04 -11.53
CA LYS C 80 -3.78 -11.02 -11.91
C LYS C 80 -4.41 -12.39 -12.13
N THR C 81 -5.53 -12.64 -11.46
CA THR C 81 -6.25 -13.89 -11.59
C THR C 81 -7.70 -13.56 -11.94
N SER C 82 -8.56 -14.57 -12.00
CA SER C 82 -9.95 -14.32 -12.36
C SER C 82 -10.73 -13.57 -11.29
N ALA C 83 -11.38 -12.48 -11.69
CA ALA C 83 -12.14 -11.66 -10.75
C ALA C 83 -13.56 -11.34 -11.23
N PHE C 84 -14.47 -11.19 -10.28
CA PHE C 84 -15.87 -10.86 -10.57
C PHE C 84 -15.97 -9.41 -11.03
N LEU C 85 -16.99 -9.13 -11.83
CA LEU C 85 -17.24 -7.77 -12.31
C LEU C 85 -18.61 -7.36 -11.76
N GLY C 86 -18.84 -6.06 -11.65
CA GLY C 86 -20.11 -5.58 -11.14
C GLY C 86 -21.18 -5.64 -12.23
N ILE C 87 -21.33 -6.82 -12.82
CA ILE C 87 -22.31 -7.04 -13.89
C ILE C 87 -23.04 -8.36 -13.70
N THR C 88 -24.38 -8.34 -13.72
CA THR C 88 -25.16 -9.57 -13.55
C THR C 88 -26.49 -9.49 -14.31
N ASP C 89 -27.12 -10.64 -14.52
CA ASP C 89 -28.41 -10.71 -15.18
C ASP C 89 -29.40 -11.37 -14.22
N GLU C 90 -29.24 -11.06 -12.93
CA GLU C 90 -30.11 -11.60 -11.89
C GLU C 90 -31.51 -11.04 -11.90
N VAL C 91 -31.64 -9.79 -12.34
CA VAL C 91 -32.95 -9.14 -12.37
C VAL C 91 -33.82 -9.68 -13.50
N THR C 92 -33.21 -9.85 -14.66
CA THR C 92 -33.90 -10.34 -15.86
C THR C 92 -32.95 -11.25 -16.64
N GLU C 93 -33.19 -12.56 -16.58
CA GLU C 93 -32.36 -13.53 -17.27
C GLU C 93 -32.05 -13.09 -18.70
N GLY C 94 -30.78 -13.19 -19.07
CA GLY C 94 -30.36 -12.82 -20.41
C GLY C 94 -30.06 -11.34 -20.60
N GLN C 95 -30.55 -10.50 -19.70
CA GLN C 95 -30.35 -9.06 -19.78
C GLN C 95 -29.34 -8.56 -18.74
N PHE C 96 -28.06 -8.62 -19.06
CA PHE C 96 -27.03 -8.17 -18.12
C PHE C 96 -27.06 -6.67 -17.87
N MET C 97 -26.95 -6.30 -16.61
CA MET C 97 -26.96 -4.91 -16.18
C MET C 97 -25.80 -4.66 -15.22
N TYR C 98 -25.52 -3.38 -14.97
CA TYR C 98 -24.47 -2.98 -14.04
C TYR C 98 -25.13 -3.05 -12.67
N VAL C 99 -24.38 -3.48 -11.66
CA VAL C 99 -24.95 -3.54 -10.32
C VAL C 99 -25.40 -2.14 -9.94
N THR C 100 -24.77 -1.14 -10.54
CA THR C 100 -25.11 0.25 -10.28
C THR C 100 -26.27 0.68 -11.18
N GLY C 101 -26.86 -0.29 -11.88
CA GLY C 101 -27.99 -0.01 -12.76
C GLY C 101 -27.61 0.34 -14.20
N GLY C 102 -28.48 0.01 -15.14
CA GLY C 102 -28.24 0.32 -16.53
C GLY C 102 -27.73 -0.82 -17.40
N ARG C 103 -28.01 -0.72 -18.70
CA ARG C 103 -27.56 -1.73 -19.66
C ARG C 103 -26.10 -1.51 -20.01
N LEU C 104 -25.44 -2.57 -20.46
CA LEU C 104 -24.03 -2.50 -20.82
C LEU C 104 -23.75 -1.59 -22.01
N THR C 105 -22.58 -0.95 -21.98
CA THR C 105 -22.17 -0.06 -23.06
C THR C 105 -20.89 -0.62 -23.67
N TYR C 106 -20.33 -1.64 -23.02
CA TYR C 106 -19.11 -2.28 -23.48
C TYR C 106 -19.09 -3.71 -22.96
N SER C 107 -18.63 -4.64 -23.80
CA SER C 107 -18.56 -6.04 -23.43
C SER C 107 -17.33 -6.70 -24.07
N ASN C 108 -16.90 -7.82 -23.50
CA ASN C 108 -15.74 -8.53 -24.01
C ASN C 108 -15.94 -10.02 -23.79
N TRP C 109 -17.14 -10.48 -24.15
CA TRP C 109 -17.53 -11.88 -24.01
C TRP C 109 -16.65 -12.88 -24.74
N LYS C 110 -16.43 -14.02 -24.10
CA LYS C 110 -15.65 -15.10 -24.71
C LYS C 110 -16.63 -15.78 -25.67
N LYS C 111 -16.13 -16.38 -26.74
CA LYS C 111 -17.03 -17.02 -27.69
C LYS C 111 -17.80 -18.13 -26.97
N ASP C 112 -19.08 -18.26 -27.29
CA ASP C 112 -19.96 -19.25 -26.69
C ASP C 112 -20.42 -18.85 -25.28
N GLN C 113 -20.21 -17.58 -24.92
CA GLN C 113 -20.59 -17.05 -23.61
C GLN C 113 -21.32 -15.73 -23.79
N PRO C 114 -22.29 -15.41 -22.92
CA PRO C 114 -22.80 -16.14 -21.75
C PRO C 114 -23.71 -17.29 -22.16
N ASP C 115 -23.77 -18.34 -21.34
CA ASP C 115 -24.60 -19.49 -21.67
C ASP C 115 -25.50 -19.98 -20.52
N ASP C 116 -25.54 -19.23 -19.42
CA ASP C 116 -26.38 -19.60 -18.27
C ASP C 116 -26.37 -21.12 -18.05
N TRP C 117 -25.16 -21.67 -17.90
CA TRP C 117 -24.96 -23.10 -17.73
C TRP C 117 -25.42 -23.65 -16.37
N TYR C 118 -26.08 -24.81 -16.41
CA TYR C 118 -26.57 -25.43 -15.19
C TYR C 118 -25.72 -26.65 -14.85
N GLY C 119 -24.79 -26.99 -15.74
CA GLY C 119 -23.93 -28.16 -15.53
C GLY C 119 -22.93 -28.13 -14.39
N HIS C 120 -22.62 -26.95 -13.85
CA HIS C 120 -21.67 -26.84 -12.75
C HIS C 120 -22.15 -27.51 -11.47
N GLY C 121 -23.45 -27.82 -11.42
CA GLY C 121 -24.00 -28.49 -10.25
C GLY C 121 -24.05 -27.69 -8.97
N LEU C 122 -24.04 -26.36 -9.05
CA LEU C 122 -24.08 -25.54 -7.85
C LEU C 122 -25.49 -24.97 -7.64
N GLY C 123 -26.39 -25.29 -8.57
CA GLY C 123 -27.75 -24.80 -8.47
C GLY C 123 -27.93 -23.54 -9.29
N GLY C 124 -29.14 -23.35 -9.82
CA GLY C 124 -29.39 -22.18 -10.63
C GLY C 124 -28.46 -22.19 -11.83
N GLY C 125 -28.57 -21.19 -12.70
CA GLY C 125 -27.73 -21.11 -13.87
C GLY C 125 -26.51 -20.26 -13.58
N GLU C 126 -26.20 -19.32 -14.47
CA GLU C 126 -25.07 -18.41 -14.30
C GLU C 126 -25.54 -16.99 -14.52
N ASP C 127 -25.53 -16.19 -13.45
CA ASP C 127 -25.98 -14.80 -13.53
C ASP C 127 -24.89 -13.78 -13.19
N CYS C 128 -23.69 -14.26 -12.89
CA CYS C 128 -22.57 -13.37 -12.55
C CYS C 128 -21.47 -13.43 -13.61
N VAL C 129 -20.73 -12.34 -13.76
CA VAL C 129 -19.66 -12.24 -14.74
C VAL C 129 -18.28 -12.11 -14.10
N HIS C 130 -17.29 -12.77 -14.70
CA HIS C 130 -15.93 -12.69 -14.21
C HIS C 130 -14.97 -12.72 -15.40
N ILE C 131 -13.77 -12.21 -15.21
CA ILE C 131 -12.79 -12.19 -16.29
C ILE C 131 -11.88 -13.41 -16.29
N VAL C 132 -11.77 -14.04 -17.45
CA VAL C 132 -10.94 -15.24 -17.59
C VAL C 132 -9.64 -14.92 -18.33
N ASP C 133 -9.17 -15.87 -19.11
CA ASP C 133 -7.92 -15.71 -19.86
C ASP C 133 -8.06 -14.73 -21.02
N ASN C 134 -6.98 -14.02 -21.30
CA ASN C 134 -6.93 -13.03 -22.37
C ASN C 134 -7.83 -11.84 -22.05
N GLY C 135 -8.42 -11.85 -20.85
CA GLY C 135 -9.28 -10.75 -20.45
C GLY C 135 -10.73 -10.89 -20.91
N LEU C 136 -11.07 -12.05 -21.46
CA LEU C 136 -12.42 -12.30 -21.94
C LEU C 136 -13.40 -12.52 -20.78
N TRP C 137 -14.69 -12.32 -21.07
CA TRP C 137 -15.76 -12.46 -20.08
C TRP C 137 -16.48 -13.81 -20.12
N ASN C 138 -16.97 -14.25 -18.96
CA ASN C 138 -17.72 -15.49 -18.86
C ASN C 138 -18.77 -15.36 -17.77
N ASP C 139 -19.94 -15.92 -18.00
CA ASP C 139 -20.99 -15.85 -17.01
C ASP C 139 -20.83 -17.11 -16.18
N ASP C 140 -20.81 -16.96 -14.86
CA ASP C 140 -20.64 -18.09 -13.96
C ASP C 140 -21.61 -17.96 -12.80
N SER C 141 -21.68 -18.99 -11.98
CA SER C 141 -22.54 -18.99 -10.82
C SER C 141 -22.05 -17.93 -9.83
N CYS C 142 -22.97 -17.14 -9.29
CA CYS C 142 -22.60 -16.12 -8.33
C CYS C 142 -22.09 -16.76 -7.05
N GLN C 143 -22.21 -18.09 -6.99
CA GLN C 143 -21.78 -18.89 -5.86
C GLN C 143 -20.28 -19.21 -5.90
N ARG C 144 -19.71 -19.26 -7.10
CA ARG C 144 -18.28 -19.55 -7.25
C ARG C 144 -17.42 -18.45 -6.68
N PRO C 145 -16.33 -18.82 -5.98
CA PRO C 145 -15.46 -17.80 -5.40
C PRO C 145 -14.40 -17.24 -6.35
N TYR C 146 -14.51 -15.94 -6.64
CA TYR C 146 -13.55 -15.29 -7.51
C TYR C 146 -12.91 -14.11 -6.76
N THR C 147 -11.87 -13.54 -7.35
CA THR C 147 -11.14 -12.44 -6.72
C THR C 147 -11.94 -11.15 -6.60
N ALA C 148 -11.95 -10.59 -5.40
CA ALA C 148 -12.68 -9.36 -5.13
C ALA C 148 -11.88 -8.13 -5.54
N VAL C 149 -12.43 -7.37 -6.48
CA VAL C 149 -11.77 -6.15 -6.95
C VAL C 149 -12.76 -5.01 -6.77
N CYS C 150 -12.37 -4.02 -5.97
CA CYS C 150 -13.26 -2.89 -5.76
C CYS C 150 -12.82 -1.72 -6.60
N GLU C 151 -13.79 -0.87 -6.91
CA GLU C 151 -13.56 0.31 -7.74
C GLU C 151 -13.86 1.57 -6.96
N PHE C 152 -13.05 2.61 -7.17
CA PHE C 152 -13.23 3.90 -6.51
C PHE C 152 -13.20 4.97 -7.62
N PRO C 153 -14.03 6.01 -7.48
CA PRO C 153 -14.17 7.13 -8.44
C PRO C 153 -12.91 7.90 -8.81
N ALA C 154 -12.90 8.38 -10.06
CA ALA C 154 -11.79 9.16 -10.58
C ALA C 154 -11.63 10.44 -9.76
C1 NGA D . 19.28 9.52 -26.78
C2 NGA D . 18.86 10.36 -25.55
C3 NGA D . 18.61 11.82 -25.96
C4 NGA D . 19.80 12.38 -26.75
C5 NGA D . 20.13 11.45 -27.91
C6 NGA D . 21.34 11.89 -28.72
C7 NGA D . 17.71 8.84 -24.08
C8 NGA D . 16.40 8.29 -23.55
N2 NGA D . 17.65 9.80 -24.99
O1 NGA D . 19.63 8.25 -26.37
O3 NGA D . 18.41 12.61 -24.79
O4 NGA D . 20.93 12.53 -25.89
O5 NGA D . 20.42 10.13 -27.41
O6 NGA D . 21.23 11.43 -30.07
O7 NGA D . 18.78 8.39 -23.65
CA CA E . 20.00 21.69 -20.83
CA CA F . 20.33 13.79 -23.59
CA CA G . -15.76 9.19 23.66
CL CL H . 13.63 20.81 -21.68
C1 NGA I . 23.13 -23.11 11.16
C2 NGA I . 22.10 -22.29 11.95
C3 NGA I . 22.68 -21.86 13.31
C4 NGA I . 23.23 -23.08 14.07
C5 NGA I . 24.20 -23.87 13.19
C6 NGA I . 24.66 -25.15 13.86
C7 NGA I . 20.78 -21.20 10.25
C8 NGA I . 20.45 -19.92 9.50
N2 NGA I . 21.71 -21.11 11.20
O1 NGA I . 22.56 -23.59 10.00
O3 NGA I . 21.67 -21.23 14.08
O4 NGA I . 22.15 -23.92 14.46
O5 NGA I . 23.57 -24.24 11.94
O6 NGA I . 25.99 -25.03 14.34
O7 NGA I . 20.20 -22.26 9.98
CA CA J . 18.14 -20.78 23.41
CA CA K . 20.15 -22.80 15.48
CA CA L . 19.65 -18.74 26.25
CL CL M . 20.29 -14.88 21.49
C1 NGA N . -16.98 -23.35 -19.08
C2 NGA N . -17.45 -22.12 -18.30
C3 NGA N . -18.85 -22.36 -17.70
C4 NGA N . -19.82 -22.89 -18.75
C5 NGA N . -19.22 -24.11 -19.43
C6 NGA N . -20.10 -24.68 -20.52
C7 NGA N . -15.57 -20.89 -17.45
C8 NGA N . -14.62 -20.62 -16.29
N2 NGA N . -16.51 -21.81 -17.25
O1 NGA N . -15.81 -23.06 -19.76
O3 NGA N . -19.36 -21.15 -17.16
O4 NGA N . -20.05 -21.87 -19.72
O5 NGA N . -17.96 -23.76 -20.05
O6 NGA N . -19.93 -26.08 -20.65
O7 NGA N . -15.44 -20.26 -18.51
C1 NGA O . -3.17 12.33 -8.04
C2 NGA O . -3.85 13.69 -7.78
C3 NGA O . -4.02 13.93 -6.28
C4 NGA O . -4.76 12.76 -5.65
C5 NGA O . -3.99 11.47 -5.96
C6 NGA O . -4.67 10.24 -5.39
C7 NGA O . -3.06 15.00 -9.66
C8 NGA O . -2.18 16.14 -10.16
N2 NGA O . -3.04 14.76 -8.35
O1 NGA O . -3.15 12.05 -9.38
O3 NGA O . -4.75 15.13 -6.07
O4 NGA O . -6.08 12.69 -6.18
O5 NGA O . -3.90 11.28 -7.38
O6 NGA O . -3.76 9.17 -5.27
O7 NGA O . -3.75 14.36 -10.44
CA CA P . -28.02 -15.91 -16.37
CA CA Q . -20.80 -19.50 -18.74
CA CA R . -2.35 23.24 18.82
CL CL S . -25.78 -17.43 -10.52
#